data_3MNW
#
_entry.id   3MNW
#
_cell.length_a   43.753
_cell.length_b   160.989
_cell.length_c   141.055
_cell.angle_alpha   90.00
_cell.angle_beta   90.00
_cell.angle_gamma   90.00
#
_symmetry.space_group_name_H-M   'C 2 2 21'
#
loop_
_entity.id
_entity.type
_entity.pdbx_description
1 polymer Gp41
2 polymer 'ANTI-HIV-1 ANTIBODY 13H11 LIGHT CHAIN'
3 polymer 'ANTI-HIV-1 ANTIBODY 13H11 HEAVY CHAIN'
4 non-polymer 1,2-ETHANEDIOL
5 water water
#
loop_
_entity_poly.entity_id
_entity_poly.type
_entity_poly.pdbx_seq_one_letter_code
_entity_poly.pdbx_strand_id
1 'polypeptide(L)' QQEKNEQELLELDKWASLWN(NH2) P
2 'polypeptide(L)'
;RLDIQLTQSPSSLAMSGGQKVTMRCKSSQSLLNSRNERNYLAWYQQKPGQSPKLLVYFASIRESGVPDRFIGSGSGTDFT
LTISSVQAEDLADYFCLQHYNTPWTFGGGTKLEIKRTVAAPSVFIFPPSDEQLKSGTASVVCLLNNFYPREAKVQWKVDN
ALQSGNSQESVTEQDSKDSTYSLSSTLTLSKADYEKHKVYACEVTHQGLSSPVTKSFNRGECGS
;
A
3 'polypeptide(L)'
;LQIQLVQSGPELKKPGETVKISCKASGYTFTDYSVHWVKQVPGKGLKWMGWINTETGEPTYADDFKGRFAFSLESSASTA
YLEIHNLKNEDTATYFCALGWLHWGLGTTLTVSSASTKGPSVFPLAPSSKSTSGGTAALGCLVKDYFPEPVTVSWNSGAL
TSGVHTFPAVLQSSGLYSLSSVVTVPSSSLGTQTYICNVNHKPSNTKVDKRVEPKSCDK
;
B
#
loop_
_chem_comp.id
_chem_comp.type
_chem_comp.name
_chem_comp.formula
EDO non-polymer 1,2-ETHANEDIOL 'C2 H6 O2'
NH2 non-polymer 'AMINO GROUP' 'H2 N'
#
# COMPACT_ATOMS: atom_id res chain seq x y z
N GLN A 2 -23.32 38.21 -6.60
CA GLN A 2 -24.36 37.38 -7.21
C GLN A 2 -23.87 35.95 -7.32
N GLU A 3 -23.02 35.71 -8.32
CA GLU A 3 -22.27 34.47 -8.39
C GLU A 3 -21.20 34.57 -7.31
N LYS A 4 -20.91 35.80 -6.90
CA LYS A 4 -20.04 36.06 -5.77
C LYS A 4 -20.70 35.67 -4.46
N ASN A 5 -22.00 35.91 -4.33
CA ASN A 5 -22.75 35.44 -3.18
C ASN A 5 -22.67 33.92 -3.12
N GLU A 6 -22.89 33.29 -4.28
CA GLU A 6 -22.89 31.83 -4.35
C GLU A 6 -21.54 31.23 -3.97
N GLN A 7 -20.46 31.87 -4.39
CA GLN A 7 -19.13 31.38 -4.04
C GLN A 7 -18.85 31.59 -2.56
N GLU A 8 -19.23 32.75 -2.04
CA GLU A 8 -19.07 33.01 -0.62
C GLU A 8 -19.89 32.00 0.20
N LEU A 9 -21.11 31.74 -0.25
CA LEU A 9 -21.98 30.78 0.41
C LEU A 9 -21.30 29.42 0.51
N LEU A 10 -20.76 28.97 -0.62
CA LEU A 10 -20.09 27.69 -0.74
C LEU A 10 -18.93 27.55 0.25
N GLU A 11 -18.16 28.59 0.44
CA GLU A 11 -17.09 28.57 1.43
C GLU A 11 -17.62 28.53 2.85
N LEU A 12 -18.69 29.26 3.12
CA LEU A 12 -19.34 29.20 4.43
C LEU A 12 -19.93 27.83 4.73
N ASP A 13 -20.53 27.18 3.73
CA ASP A 13 -21.01 25.83 3.93
C ASP A 13 -19.82 24.90 4.16
N LYS A 14 -18.75 25.10 3.39
CA LYS A 14 -17.56 24.28 3.54
C LYS A 14 -17.07 24.29 4.98
N TRP A 15 -16.87 25.48 5.52
CA TRP A 15 -16.28 25.62 6.85
C TRP A 15 -17.27 25.25 7.95
N ALA A 16 -18.54 25.54 7.72
CA ALA A 16 -19.59 25.11 8.65
C ALA A 16 -19.58 23.60 8.84
N SER A 17 -19.24 22.87 7.80
CA SER A 17 -19.32 21.42 7.85
C SER A 17 -18.13 20.91 8.65
N LEU A 18 -17.11 21.75 8.78
CA LEU A 18 -15.88 21.42 9.50
C LEU A 18 -15.90 21.84 10.99
N TRP A 19 -16.84 22.67 11.43
N TRP A 19 -16.84 22.64 11.44
CA TRP A 19 -16.94 23.20 12.79
CA TRP A 19 -17.00 23.18 12.80
C TRP A 19 -17.17 22.14 13.88
C TRP A 19 -17.20 22.13 13.89
N ASN A 20 -16.57 22.28 15.03
CA ASN A 20 -16.87 21.46 16.18
C ASN A 20 -18.35 21.49 16.39
N NH2 A 21 -18.98 22.63 16.04
N LEU B 2 -25.96 0.44 11.55
CA LEU B 2 -26.35 1.64 10.81
C LEU B 2 -25.14 2.47 10.36
N ASP B 3 -23.95 1.86 10.40
CA ASP B 3 -22.78 2.42 9.73
C ASP B 3 -23.07 2.53 8.23
N ILE B 4 -22.82 3.70 7.65
CA ILE B 4 -23.03 3.88 6.22
C ILE B 4 -22.00 3.11 5.40
N GLN B 5 -22.48 2.35 4.42
CA GLN B 5 -21.61 1.56 3.56
C GLN B 5 -21.42 2.26 2.23
N LEU B 6 -20.20 2.22 1.73
CA LEU B 6 -19.87 2.78 0.43
C LEU B 6 -19.30 1.67 -0.40
N THR B 7 -19.85 1.46 -1.59
CA THR B 7 -19.24 0.49 -2.48
C THR B 7 -18.67 1.21 -3.71
N GLN B 8 -17.35 1.11 -3.87
CA GLN B 8 -16.65 1.80 -4.94
C GLN B 8 -16.26 0.83 -6.06
N SER B 9 -16.48 1.24 -7.30
CA SER B 9 -16.13 0.43 -8.45
C SER B 9 -15.66 1.33 -9.61
N PRO B 10 -14.83 0.76 -10.51
CA PRO B 10 -14.26 -0.59 -10.38
C PRO B 10 -13.11 -0.55 -9.39
N SER B 11 -12.50 -1.70 -9.09
CA SER B 11 -11.36 -1.71 -8.19
C SER B 11 -10.14 -1.25 -8.96
N SER B 12 -10.22 -1.34 -10.28
CA SER B 12 -9.14 -0.84 -11.11
C SER B 12 -9.61 -0.62 -12.53
N LEU B 13 -9.00 0.39 -13.17
CA LEU B 13 -9.26 0.65 -14.56
C LEU B 13 -7.95 1.06 -15.23
N ALA B 14 -7.90 0.87 -16.54
CA ALA B 14 -6.67 1.04 -17.31
C ALA B 14 -6.88 2.07 -18.42
N MET B 15 -6.08 3.13 -18.38
CA MET B 15 -6.20 4.21 -19.36
C MET B 15 -5.76 3.75 -20.74
N GLY B 18 -4.67 8.18 -23.21
CA GLY B 18 -5.16 9.46 -22.72
C GLY B 18 -6.66 9.63 -22.87
N GLN B 19 -7.42 8.58 -22.55
CA GLN B 19 -8.87 8.55 -22.72
C GLN B 19 -9.63 8.96 -21.44
N LYS B 20 -10.96 8.86 -21.49
CA LYS B 20 -11.80 9.21 -20.35
C LYS B 20 -12.16 8.00 -19.48
N VAL B 21 -12.01 8.15 -18.16
CA VAL B 21 -12.32 7.08 -17.22
C VAL B 21 -13.31 7.50 -16.16
N THR B 22 -14.05 6.52 -15.64
CA THR B 22 -15.14 6.78 -14.71
C THR B 22 -15.06 5.82 -13.54
N MET B 23 -15.23 6.33 -12.33
CA MET B 23 -15.35 5.46 -11.16
C MET B 23 -16.55 5.91 -10.37
N ARG B 24 -17.16 4.96 -9.66
CA ARG B 24 -18.45 5.20 -9.02
C ARG B 24 -18.39 4.87 -7.55
N CYS B 25 -19.29 5.47 -6.80
CA CYS B 25 -19.41 5.23 -5.38
C CYS B 25 -20.89 5.17 -5.07
N LYS B 26 -21.36 4.06 -4.51
CA LYS B 26 -22.76 3.92 -4.14
C LYS B 26 -22.92 3.85 -2.63
N SER B 27 -23.72 4.77 -2.09
CA SER B 27 -23.92 4.88 -0.67
C SER B 27 -25.13 4.06 -0.23
N SER B 28 -25.04 3.44 0.95
CA SER B 28 -26.14 2.68 1.52
C SER B 28 -27.21 3.59 2.12
N GLN B 29 -26.87 4.88 2.26
CA GLN B 29 -27.82 5.88 2.76
C GLN B 29 -27.54 7.21 2.07
N SER B 30 -28.59 8.00 1.85
CA SER B 30 -28.41 9.30 1.22
C SER B 30 -27.41 10.16 1.98
N LEU B 31 -26.53 10.84 1.24
CA LEU B 31 -25.56 11.74 1.84
C LEU B 31 -25.96 13.20 1.61
N LEU B 32 -27.20 13.44 1.21
CA LEU B 32 -27.68 14.78 0.91
C LEU B 32 -28.18 15.46 2.18
N ASN B 33 -27.59 16.62 2.50
CA ASN B 33 -28.07 17.41 3.61
C ASN B 33 -29.18 18.35 3.15
N SER B 34 -30.41 18.04 3.57
CA SER B 34 -31.56 18.87 3.20
C SER B 34 -31.36 20.33 3.56
N ARG B 35 -30.64 20.57 4.65
CA ARG B 35 -30.51 21.92 5.19
C ARG B 35 -29.74 22.87 4.28
N ASN B 36 -28.59 22.44 3.78
CA ASN B 36 -27.78 23.28 2.90
C ASN B 36 -27.70 22.72 1.47
N GLU B 37 -28.41 21.63 1.24
CA GLU B 37 -28.42 20.95 -0.06
C GLU B 37 -27.07 20.45 -0.55
N ARG B 38 -26.14 20.21 0.35
CA ARG B 38 -24.86 19.67 -0.06
C ARG B 38 -24.86 18.17 0.17
N ASN B 39 -24.12 17.46 -0.67
CA ASN B 39 -23.83 16.04 -0.47
C ASN B 39 -22.49 15.83 0.24
N TYR B 40 -22.52 15.09 1.34
CA TYR B 40 -21.32 14.95 2.17
C TYR B 40 -20.42 13.83 1.71
N LEU B 41 -19.80 14.03 0.55
CA LEU B 41 -18.98 13.01 -0.06
C LEU B 41 -17.81 13.71 -0.71
N ALA B 42 -16.59 13.24 -0.40
CA ALA B 42 -15.42 13.81 -1.06
C ALA B 42 -14.64 12.75 -1.80
N TRP B 43 -13.91 13.18 -2.83
CA TRP B 43 -13.01 12.29 -3.57
C TRP B 43 -11.55 12.67 -3.36
N TYR B 44 -10.70 11.67 -3.17
CA TYR B 44 -9.28 11.91 -2.92
C TYR B 44 -8.41 11.10 -3.85
N GLN B 45 -7.25 11.64 -4.15
CA GLN B 45 -6.22 10.88 -4.84
C GLN B 45 -5.15 10.58 -3.82
N GLN B 46 -4.52 9.42 -3.92
CA GLN B 46 -3.40 9.10 -3.02
C GLN B 46 -2.39 8.24 -3.74
N LYS B 47 -1.12 8.65 -3.69
CA LYS B 47 -0.04 7.87 -4.26
C LYS B 47 0.80 7.28 -3.15
N PRO B 48 1.32 6.09 -3.41
CA PRO B 48 2.11 5.33 -2.43
C PRO B 48 3.08 6.23 -1.67
N GLY B 49 3.18 5.99 -0.37
CA GLY B 49 4.07 6.75 0.47
C GLY B 49 3.55 8.14 0.77
N GLN B 50 2.55 8.58 0.01
CA GLN B 50 2.02 9.92 0.18
C GLN B 50 0.67 9.92 0.91
N SER B 51 0.18 11.11 1.26
CA SER B 51 -1.11 11.22 1.91
C SER B 51 -2.17 11.60 0.89
N PRO B 52 -3.46 11.40 1.25
CA PRO B 52 -4.56 11.68 0.33
C PRO B 52 -4.63 13.15 -0.03
N LYS B 53 -5.02 13.45 -1.27
CA LYS B 53 -5.13 14.82 -1.72
C LYS B 53 -6.55 15.07 -2.21
N LEU B 54 -7.23 16.05 -1.61
CA LEU B 54 -8.61 16.35 -1.96
C LEU B 54 -8.72 16.82 -3.40
N LEU B 55 -9.56 16.15 -4.18
CA LEU B 55 -9.84 16.55 -5.56
C LEU B 55 -11.14 17.33 -5.64
N VAL B 56 -12.19 16.79 -5.02
CA VAL B 56 -13.56 17.25 -5.19
C VAL B 56 -14.29 17.13 -3.87
N TYR B 57 -14.97 18.17 -3.42
CA TYR B 57 -15.76 18.07 -2.20
C TYR B 57 -17.22 18.44 -2.46
N PHE B 58 -18.08 18.26 -1.45
CA PHE B 58 -19.51 18.37 -1.65
C PHE B 58 -19.95 17.70 -2.96
N ALA B 59 -19.40 16.51 -3.24
CA ALA B 59 -19.77 15.69 -4.41
C ALA B 59 -19.28 16.22 -5.77
N SER B 60 -19.46 17.52 -6.00
CA SER B 60 -19.24 18.07 -7.33
C SER B 60 -18.39 19.34 -7.40
N ILE B 61 -17.86 19.80 -6.28
CA ILE B 61 -17.04 21.02 -6.27
C ILE B 61 -15.54 20.70 -6.34
N ARG B 62 -14.89 21.09 -7.41
CA ARG B 62 -13.46 20.92 -7.47
C ARG B 62 -12.70 21.77 -6.47
N GLU B 63 -11.74 21.19 -5.80
CA GLU B 63 -10.92 21.95 -4.88
C GLU B 63 -10.01 22.85 -5.67
N SER B 64 -9.70 24.01 -5.12
CA SER B 64 -8.88 25.00 -5.80
C SER B 64 -7.56 24.42 -6.29
N GLY B 65 -7.19 24.72 -7.54
CA GLY B 65 -5.94 24.27 -8.11
C GLY B 65 -5.97 22.88 -8.71
N VAL B 66 -7.02 22.12 -8.41
CA VAL B 66 -7.15 20.78 -8.96
C VAL B 66 -7.47 20.93 -10.45
N PRO B 67 -6.76 20.18 -11.29
CA PRO B 67 -6.97 20.28 -12.74
C PRO B 67 -8.40 19.94 -13.09
N ASP B 68 -8.96 20.66 -14.04
CA ASP B 68 -10.37 20.51 -14.41
C ASP B 68 -10.68 19.26 -15.23
N ARG B 69 -9.68 18.45 -15.54
CA ARG B 69 -9.94 17.15 -16.13
C ARG B 69 -10.65 16.23 -15.14
N PHE B 70 -10.59 16.62 -13.87
CA PHE B 70 -11.27 15.90 -12.79
C PHE B 70 -12.67 16.46 -12.56
N ILE B 71 -13.68 15.59 -12.60
CA ILE B 71 -15.06 16.01 -12.48
C ILE B 71 -15.89 15.05 -11.62
N GLY B 72 -16.35 15.54 -10.47
CA GLY B 72 -17.25 14.78 -9.63
C GLY B 72 -18.69 15.16 -9.91
N SER B 73 -19.58 14.19 -9.84
CA SER B 73 -21.01 14.47 -10.00
C SER B 73 -21.83 13.44 -9.23
N GLY B 74 -23.13 13.68 -9.15
CA GLY B 74 -24.02 12.75 -8.49
C GLY B 74 -24.68 13.37 -7.27
N SER B 75 -25.64 12.65 -6.71
CA SER B 75 -26.40 13.16 -5.57
C SER B 75 -27.07 12.02 -4.82
N GLY B 76 -27.40 12.26 -3.55
CA GLY B 76 -28.11 11.27 -2.76
C GLY B 76 -27.26 10.05 -2.43
N THR B 77 -27.39 8.98 -3.22
CA THR B 77 -26.64 7.77 -2.94
C THR B 77 -25.73 7.38 -4.10
N ASP B 78 -25.81 8.13 -5.19
CA ASP B 78 -25.06 7.78 -6.40
C ASP B 78 -24.08 8.87 -6.79
N PHE B 79 -22.81 8.49 -6.87
CA PHE B 79 -21.75 9.46 -7.13
C PHE B 79 -20.70 8.92 -8.09
N THR B 80 -20.15 9.81 -8.90
CA THR B 80 -19.13 9.43 -9.87
C THR B 80 -17.98 10.42 -9.85
N LEU B 81 -16.80 9.89 -10.12
CA LEU B 81 -15.66 10.74 -10.41
C LEU B 81 -15.18 10.41 -11.81
N THR B 82 -15.03 11.45 -12.61
CA THR B 82 -14.58 11.29 -13.97
C THR B 82 -13.25 12.00 -14.19
N ILE B 83 -12.33 11.33 -14.86
CA ILE B 83 -11.14 12.02 -15.31
C ILE B 83 -11.20 12.16 -16.82
N SER B 84 -11.35 13.39 -17.30
CA SER B 84 -11.62 13.65 -18.72
C SER B 84 -10.55 13.10 -19.65
N SER B 85 -9.29 13.22 -19.22
CA SER B 85 -8.18 12.82 -20.07
C SER B 85 -7.01 12.46 -19.17
N VAL B 86 -6.72 11.17 -19.06
CA VAL B 86 -5.73 10.71 -18.10
C VAL B 86 -4.30 11.08 -18.50
N GLN B 87 -3.58 11.67 -17.56
CA GLN B 87 -2.17 11.97 -17.70
C GLN B 87 -1.36 11.00 -16.85
N ALA B 88 -0.07 10.89 -17.15
CA ALA B 88 0.82 10.01 -16.41
C ALA B 88 0.91 10.39 -14.91
N GLU B 89 0.71 11.66 -14.59
CA GLU B 89 0.78 12.08 -13.19
C GLU B 89 -0.47 11.64 -12.40
N ASP B 90 -1.50 11.18 -13.12
CA ASP B 90 -2.78 10.81 -12.52
C ASP B 90 -2.84 9.32 -12.15
N LEU B 91 -1.80 8.57 -12.49
CA LEU B 91 -1.73 7.17 -12.11
C LEU B 91 -1.61 7.08 -10.59
N ALA B 92 -2.64 6.53 -9.96
CA ALA B 92 -2.74 6.59 -8.53
C ALA B 92 -3.93 5.79 -8.05
N ASP B 93 -4.11 5.78 -6.74
CA ASP B 93 -5.33 5.25 -6.15
C ASP B 93 -6.24 6.43 -5.90
N TYR B 94 -7.53 6.18 -6.00
CA TYR B 94 -8.57 7.18 -5.78
C TYR B 94 -9.61 6.54 -4.88
N PHE B 95 -10.15 7.29 -3.92
CA PHE B 95 -11.23 6.77 -3.10
C PHE B 95 -12.23 7.85 -2.74
N CYS B 96 -13.45 7.41 -2.43
CA CYS B 96 -14.49 8.31 -1.97
C CYS B 96 -14.58 8.24 -0.44
N LEU B 97 -15.07 9.31 0.17
CA LEU B 97 -15.26 9.34 1.62
C LEU B 97 -16.61 9.96 1.94
N GLN B 98 -17.41 9.28 2.76
CA GLN B 98 -18.65 9.92 3.24
C GLN B 98 -18.44 10.51 4.64
N HIS B 99 -18.77 11.78 4.78
CA HIS B 99 -18.66 12.44 6.08
C HIS B 99 -20.02 12.98 6.51
N TYR B 100 -21.07 12.31 6.06
CA TYR B 100 -22.43 12.66 6.44
C TYR B 100 -22.72 12.27 7.91
N ASN B 101 -22.38 11.03 8.27
CA ASN B 101 -22.53 10.52 9.64
C ASN B 101 -21.25 9.88 10.16
N THR B 102 -21.05 9.92 11.47
CA THR B 102 -19.99 9.13 12.08
C THR B 102 -20.54 7.72 12.34
N PRO B 103 -19.70 6.68 12.15
CA PRO B 103 -18.30 6.78 11.74
C PRO B 103 -18.14 7.13 10.25
N TRP B 104 -17.14 7.93 9.94
CA TRP B 104 -16.88 8.21 8.54
C TRP B 104 -16.47 6.92 7.85
N THR B 105 -16.87 6.76 6.59
CA THR B 105 -16.54 5.53 5.90
C THR B 105 -15.98 5.81 4.50
N PHE B 106 -15.17 4.90 4.01
CA PHE B 106 -14.45 5.09 2.75
C PHE B 106 -14.79 4.02 1.72
N GLY B 107 -14.74 4.38 0.45
CA GLY B 107 -14.80 3.40 -0.61
C GLY B 107 -13.56 2.52 -0.61
N GLY B 108 -13.66 1.37 -1.27
CA GLY B 108 -12.57 0.41 -1.32
C GLY B 108 -11.42 0.85 -2.21
N GLY B 109 -11.65 1.92 -2.96
CA GLY B 109 -10.62 2.48 -3.81
C GLY B 109 -10.68 1.98 -5.24
N THR B 110 -10.10 2.78 -6.11
CA THR B 110 -9.93 2.46 -7.52
C THR B 110 -8.49 2.82 -7.87
N LYS B 111 -7.77 1.86 -8.42
CA LYS B 111 -6.40 2.10 -8.89
C LYS B 111 -6.32 2.36 -10.40
N LEU B 112 -5.65 3.45 -10.77
CA LEU B 112 -5.51 3.86 -12.15
C LEU B 112 -4.15 3.41 -12.70
N GLU B 113 -4.17 2.47 -13.63
CA GLU B 113 -2.95 1.91 -14.20
C GLU B 113 -2.91 2.20 -15.71
N ILE B 114 -1.84 1.78 -16.39
CA ILE B 114 -1.76 1.98 -17.85
C ILE B 114 -2.22 0.74 -18.60
N LYS B 115 -3.09 0.94 -19.59
CA LYS B 115 -3.54 -0.20 -20.39
C LYS B 115 -2.48 -0.59 -21.41
N ARG B 116 -2.32 -1.91 -21.61
CA ARG B 116 -1.50 -2.41 -22.70
C ARG B 116 -2.06 -3.76 -23.15
N THR B 117 -1.36 -4.42 -24.06
CA THR B 117 -1.86 -5.68 -24.57
C THR B 117 -1.63 -6.78 -23.54
N VAL B 118 -2.39 -7.86 -23.65
CA VAL B 118 -2.23 -9.03 -22.81
C VAL B 118 -0.84 -9.61 -23.04
N ALA B 119 -0.13 -9.92 -21.96
CA ALA B 119 1.16 -10.57 -22.05
C ALA B 119 1.25 -11.71 -21.06
N ALA B 120 1.51 -12.92 -21.55
CA ALA B 120 1.66 -14.07 -20.69
C ALA B 120 2.89 -13.88 -19.80
N PRO B 121 2.90 -14.51 -18.62
CA PRO B 121 4.10 -14.40 -17.78
C PRO B 121 5.09 -15.51 -18.11
N SER B 122 6.39 -15.23 -18.04
CA SER B 122 7.39 -16.30 -18.13
C SER B 122 7.57 -16.83 -16.71
N VAL B 123 7.69 -18.14 -16.57
CA VAL B 123 7.63 -18.75 -15.25
C VAL B 123 8.92 -19.50 -14.92
N PHE B 124 9.45 -19.24 -13.73
CA PHE B 124 10.68 -19.88 -13.29
C PHE B 124 10.46 -20.37 -11.89
N ILE B 125 11.02 -21.53 -11.58
CA ILE B 125 11.02 -22.02 -10.21
C ILE B 125 12.47 -22.12 -9.71
N PHE B 126 12.71 -21.70 -8.47
CA PHE B 126 14.05 -21.70 -7.88
C PHE B 126 14.12 -22.59 -6.63
N PRO B 127 14.97 -23.62 -6.68
CA PRO B 127 15.20 -24.43 -5.48
C PRO B 127 15.92 -23.61 -4.43
N PRO B 128 15.82 -24.04 -3.15
CA PRO B 128 16.60 -23.46 -2.05
C PRO B 128 18.08 -23.65 -2.34
N SER B 129 18.90 -22.64 -2.05
CA SER B 129 20.34 -22.76 -2.24
C SER B 129 20.89 -23.72 -1.20
N ASP B 130 22.04 -24.32 -1.49
CA ASP B 130 22.63 -25.26 -0.55
C ASP B 130 22.98 -24.54 0.75
N GLU B 131 23.40 -23.28 0.64
CA GLU B 131 23.80 -22.47 1.79
C GLU B 131 22.65 -22.22 2.78
N GLN B 132 21.44 -22.02 2.27
CA GLN B 132 20.31 -21.79 3.15
C GLN B 132 19.88 -23.08 3.85
N LEU B 133 20.03 -24.21 3.15
CA LEU B 133 19.75 -25.51 3.74
C LEU B 133 20.65 -25.77 4.95
N LYS B 134 21.89 -25.30 4.89
CA LYS B 134 22.80 -25.37 6.04
C LYS B 134 22.16 -24.85 7.32
N SER B 135 21.24 -23.89 7.17
CA SER B 135 20.67 -23.18 8.31
C SER B 135 19.30 -23.69 8.77
N GLY B 136 18.79 -24.74 8.12
CA GLY B 136 17.60 -25.43 8.61
C GLY B 136 16.25 -24.97 8.07
N THR B 137 16.27 -24.14 7.04
CA THR B 137 15.02 -23.71 6.39
C THR B 137 15.19 -23.67 4.86
N ALA B 138 14.12 -23.99 4.14
CA ALA B 138 14.17 -23.98 2.69
C ALA B 138 13.15 -23.00 2.13
N SER B 139 13.61 -22.12 1.25
CA SER B 139 12.75 -21.20 0.53
C SER B 139 12.77 -21.56 -0.94
N VAL B 140 11.60 -21.87 -1.49
CA VAL B 140 11.46 -22.14 -2.91
C VAL B 140 10.79 -20.94 -3.56
N VAL B 141 11.33 -20.49 -4.68
CA VAL B 141 10.77 -19.30 -5.28
C VAL B 141 10.21 -19.59 -6.66
N CYS B 142 9.01 -19.08 -6.91
CA CYS B 142 8.40 -19.12 -8.22
C CYS B 142 8.27 -17.69 -8.71
N LEU B 143 8.89 -17.38 -9.84
CA LEU B 143 8.75 -16.07 -10.45
C LEU B 143 7.77 -16.12 -11.63
N LEU B 144 6.87 -15.14 -11.67
CA LEU B 144 6.04 -14.88 -12.85
C LEU B 144 6.49 -13.53 -13.40
N ASN B 145 7.13 -13.56 -14.57
CA ASN B 145 7.83 -12.36 -15.06
C ASN B 145 7.11 -11.62 -16.18
N ASN B 146 7.04 -10.29 -16.05
CA ASN B 146 6.49 -9.42 -17.10
C ASN B 146 5.15 -9.84 -17.73
N PHE B 147 4.11 -9.88 -16.91
CA PHE B 147 2.77 -10.20 -17.41
C PHE B 147 1.80 -9.01 -17.39
N TYR B 148 0.68 -9.18 -18.11
CA TYR B 148 -0.41 -8.21 -18.14
C TYR B 148 -1.71 -8.89 -18.65
N PRO B 149 -2.86 -8.64 -18.01
CA PRO B 149 -3.07 -7.75 -16.85
C PRO B 149 -2.53 -8.35 -15.56
N ARG B 150 -2.79 -7.67 -14.44
CA ARG B 150 -2.22 -8.05 -13.15
C ARG B 150 -2.76 -9.34 -12.53
N GLU B 151 -4.05 -9.61 -12.75
CA GLU B 151 -4.68 -10.80 -12.20
C GLU B 151 -3.91 -12.06 -12.55
N ALA B 152 -3.68 -12.93 -11.56
CA ALA B 152 -2.89 -14.15 -11.75
C ALA B 152 -3.12 -15.14 -10.61
N LYS B 153 -3.01 -16.42 -10.91
CA LYS B 153 -3.21 -17.47 -9.91
C LYS B 153 -1.97 -18.35 -9.85
N VAL B 154 -1.46 -18.58 -8.65
CA VAL B 154 -0.32 -19.48 -8.45
C VAL B 154 -0.66 -20.58 -7.46
N GLN B 155 -0.31 -21.80 -7.78
CA GLN B 155 -0.56 -22.87 -6.87
C GLN B 155 0.68 -23.67 -6.67
N TRP B 156 0.98 -23.99 -5.44
CA TRP B 156 2.13 -24.83 -5.13
C TRP B 156 1.71 -26.28 -4.99
N LYS B 157 2.49 -27.17 -5.59
CA LYS B 157 2.27 -28.61 -5.46
C LYS B 157 3.56 -29.30 -5.03
N VAL B 158 3.53 -29.97 -3.89
CA VAL B 158 4.65 -30.78 -3.43
C VAL B 158 4.26 -32.25 -3.44
N ASP B 159 4.98 -33.05 -4.24
CA ASP B 159 4.55 -34.42 -4.51
C ASP B 159 3.08 -34.41 -4.92
N ASN B 160 2.77 -33.46 -5.82
CA ASN B 160 1.43 -33.23 -6.37
C ASN B 160 0.36 -32.85 -5.35
N ALA B 161 0.73 -32.79 -4.08
CA ALA B 161 -0.19 -32.28 -3.06
C ALA B 161 -0.35 -30.77 -3.17
N LEU B 162 -1.59 -30.29 -3.09
CA LEU B 162 -1.85 -28.86 -3.18
C LEU B 162 -1.51 -28.14 -1.88
N GLN B 163 -0.67 -27.12 -1.99
CA GLN B 163 -0.20 -26.38 -0.81
C GLN B 163 -1.06 -25.16 -0.51
N SER B 164 -1.47 -25.03 0.74
CA SER B 164 -2.15 -23.82 1.19
C SER B 164 -1.55 -23.30 2.49
N GLY B 165 -1.65 -21.98 2.69
CA GLY B 165 -1.24 -21.35 3.94
C GLY B 165 0.24 -21.15 4.17
N ASN B 166 1.09 -21.73 3.35
CA ASN B 166 2.53 -21.70 3.58
C ASN B 166 3.37 -20.93 2.54
N SER B 167 2.72 -20.05 1.79
CA SER B 167 3.44 -19.24 0.81
C SER B 167 3.03 -17.77 0.94
N GLN B 168 3.90 -16.88 0.45
CA GLN B 168 3.59 -15.47 0.44
C GLN B 168 3.92 -14.93 -0.93
N GLU B 169 3.08 -14.04 -1.44
CA GLU B 169 3.28 -13.46 -2.77
C GLU B 169 3.65 -12.00 -2.63
N SER B 170 4.40 -11.50 -3.61
CA SER B 170 4.67 -10.09 -3.65
C SER B 170 4.68 -9.65 -5.11
N VAL B 171 4.26 -8.43 -5.38
CA VAL B 171 4.15 -7.97 -6.75
C VAL B 171 4.70 -6.56 -6.93
N THR B 172 5.28 -6.32 -8.09
CA THR B 172 5.82 -5.00 -8.41
C THR B 172 4.73 -4.08 -8.96
N GLU B 173 4.99 -2.79 -8.90
CA GLU B 173 4.19 -1.79 -9.58
C GLU B 173 4.43 -1.87 -11.09
N GLN B 174 3.51 -1.30 -11.86
CA GLN B 174 3.58 -1.39 -13.30
C GLN B 174 4.94 -0.92 -13.85
N ASP B 175 5.55 -1.77 -14.66
CA ASP B 175 6.90 -1.52 -15.14
C ASP B 175 7.02 -0.21 -15.92
N SER B 176 8.07 0.53 -15.61
CA SER B 176 8.29 1.84 -16.21
C SER B 176 8.39 1.77 -17.73
N LYS B 177 8.91 0.65 -18.23
CA LYS B 177 9.23 0.54 -19.66
C LYS B 177 8.12 -0.16 -20.46
N ASP B 178 7.62 -1.28 -19.97
CA ASP B 178 6.72 -2.11 -20.77
C ASP B 178 5.33 -2.29 -20.15
N SER B 179 5.08 -1.60 -19.03
CA SER B 179 3.76 -1.59 -18.39
C SER B 179 3.29 -2.95 -17.91
N THR B 180 4.22 -3.87 -17.70
CA THR B 180 3.84 -5.18 -17.20
C THR B 180 4.02 -5.28 -15.69
N TYR B 181 3.70 -6.46 -15.16
CA TYR B 181 3.82 -6.76 -13.75
C TYR B 181 4.67 -8.01 -13.58
N SER B 182 5.35 -8.10 -12.45
CA SER B 182 6.00 -9.35 -12.07
C SER B 182 5.53 -9.76 -10.69
N LEU B 183 5.68 -11.04 -10.39
CA LEU B 183 5.17 -11.57 -9.15
C LEU B 183 6.05 -12.71 -8.66
N SER B 184 6.36 -12.70 -7.38
CA SER B 184 7.12 -13.78 -6.79
C SER B 184 6.19 -14.44 -5.82
N SER B 185 6.33 -15.76 -5.68
CA SER B 185 5.65 -16.52 -4.65
C SER B 185 6.71 -17.35 -3.95
N THR B 186 6.71 -17.34 -2.63
CA THR B 186 7.80 -17.99 -1.92
C THR B 186 7.24 -19.01 -0.93
N LEU B 187 7.67 -20.27 -1.10
CA LEU B 187 7.23 -21.35 -0.25
C LEU B 187 8.28 -21.59 0.82
N THR B 188 7.89 -21.43 2.08
CA THR B 188 8.80 -21.57 3.20
C THR B 188 8.43 -22.77 4.08
N LEU B 189 9.40 -23.65 4.32
CA LEU B 189 9.20 -24.76 5.25
C LEU B 189 10.51 -25.19 5.90
N SER B 190 10.39 -25.97 6.98
CA SER B 190 11.56 -26.48 7.68
C SER B 190 12.33 -27.40 6.75
N LYS B 191 13.65 -27.43 6.89
CA LYS B 191 14.45 -28.35 6.10
C LYS B 191 13.93 -29.77 6.38
N ALA B 192 13.45 -29.97 7.60
CA ALA B 192 12.91 -31.28 8.01
C ALA B 192 11.67 -31.67 7.21
N ASP B 193 10.74 -30.74 7.01
CA ASP B 193 9.58 -31.01 6.16
C ASP B 193 9.99 -31.04 4.69
N TYR B 194 10.95 -30.19 4.32
CA TYR B 194 11.43 -30.13 2.95
C TYR B 194 11.94 -31.48 2.54
N GLU B 195 12.75 -32.07 3.41
CA GLU B 195 13.46 -33.31 3.09
C GLU B 195 12.57 -34.55 3.20
N LYS B 196 11.31 -34.35 3.52
CA LYS B 196 10.35 -35.46 3.52
C LYS B 196 9.70 -35.63 2.15
N HIS B 197 10.01 -34.74 1.21
CA HIS B 197 9.33 -34.74 -0.10
C HIS B 197 10.26 -34.55 -1.25
N LYS B 198 9.81 -34.81 -2.47
CA LYS B 198 10.72 -34.93 -3.62
C LYS B 198 10.42 -34.00 -4.80
N VAL B 199 9.16 -33.87 -5.19
CA VAL B 199 8.82 -33.05 -6.37
C VAL B 199 8.17 -31.73 -5.98
N TYR B 200 8.68 -30.65 -6.55
CA TYR B 200 8.25 -29.31 -6.18
C TYR B 200 7.83 -28.51 -7.42
N ALA B 201 6.56 -28.11 -7.44
CA ALA B 201 6.01 -27.47 -8.62
C ALA B 201 5.14 -26.28 -8.27
N CYS B 202 5.13 -25.28 -9.13
CA CYS B 202 4.15 -24.21 -9.03
C CYS B 202 3.35 -24.06 -10.32
N GLU B 203 2.04 -23.99 -10.16
CA GLU B 203 1.11 -23.97 -11.28
C GLU B 203 0.56 -22.57 -11.49
N VAL B 204 0.81 -22.00 -12.67
CA VAL B 204 0.37 -20.65 -12.98
C VAL B 204 -0.83 -20.60 -13.93
N THR B 205 -1.80 -19.76 -13.58
CA THR B 205 -2.97 -19.53 -14.40
C THR B 205 -3.02 -18.04 -14.76
N HIS B 206 -3.12 -17.74 -16.05
CA HIS B 206 -3.16 -16.37 -16.50
C HIS B 206 -3.89 -16.26 -17.83
N GLN B 207 -4.51 -15.11 -18.07
CA GLN B 207 -5.29 -14.88 -19.28
C GLN B 207 -4.48 -15.11 -20.56
N GLY B 208 -3.19 -14.75 -20.52
CA GLY B 208 -2.35 -14.87 -21.70
C GLY B 208 -1.92 -16.30 -21.96
N LEU B 209 -2.35 -17.22 -21.10
CA LEU B 209 -2.01 -18.64 -21.21
C LEU B 209 -3.26 -19.48 -21.53
N SER B 210 -3.23 -20.14 -22.69
CA SER B 210 -4.34 -21.00 -23.09
C SER B 210 -4.59 -22.13 -22.08
N SER B 211 -3.59 -22.44 -21.27
CA SER B 211 -3.78 -23.38 -20.17
C SER B 211 -2.63 -23.30 -19.14
N PRO B 212 -2.84 -23.89 -17.95
CA PRO B 212 -1.91 -23.70 -16.84
C PRO B 212 -0.48 -24.06 -17.20
N VAL B 213 0.47 -23.27 -16.73
CA VAL B 213 1.88 -23.61 -16.88
C VAL B 213 2.43 -24.09 -15.54
N THR B 214 3.12 -25.21 -15.58
CA THR B 214 3.77 -25.74 -14.40
C THR B 214 5.28 -25.78 -14.56
N LYS B 215 5.98 -25.35 -13.51
CA LYS B 215 7.43 -25.51 -13.44
C LYS B 215 7.75 -26.30 -12.19
N SER B 216 8.74 -27.19 -12.30
CA SER B 216 9.04 -28.12 -11.21
C SER B 216 10.52 -28.50 -11.16
N PHE B 217 10.87 -29.20 -10.09
CA PHE B 217 12.20 -29.78 -9.92
C PHE B 217 12.05 -30.82 -8.81
N ASN B 218 13.02 -31.72 -8.72
CA ASN B 218 13.09 -32.65 -7.60
C ASN B 218 14.49 -32.59 -6.98
N ARG B 219 14.57 -32.79 -5.67
CA ARG B 219 15.86 -32.87 -4.99
C ARG B 219 16.76 -33.95 -5.61
N GLN C 2 -3.32 27.44 2.33
CA GLN C 2 -2.66 28.09 3.47
C GLN C 2 -2.79 27.25 4.74
N ILE C 3 -3.41 26.08 4.61
CA ILE C 3 -3.54 25.14 5.72
C ILE C 3 -2.41 24.13 5.73
N GLN C 4 -1.77 23.96 6.88
CA GLN C 4 -0.75 22.95 6.99
C GLN C 4 -0.98 22.10 8.24
N LEU C 5 -0.76 20.80 8.11
CA LEU C 5 -0.80 19.90 9.26
C LEU C 5 0.52 19.12 9.32
N VAL C 6 1.39 19.45 10.26
CA VAL C 6 2.67 18.77 10.38
C VAL C 6 2.63 17.68 11.46
N GLN C 7 2.98 16.46 11.07
CA GLN C 7 2.91 15.32 11.97
C GLN C 7 4.29 14.86 12.43
N SER C 8 4.31 14.14 13.55
CA SER C 8 5.58 13.66 14.10
C SER C 8 6.16 12.53 13.27
N GLY C 9 7.44 12.25 13.47
CA GLY C 9 8.19 11.35 12.61
C GLY C 9 7.92 9.88 12.84
N PRO C 10 8.55 9.02 12.03
CA PRO C 10 8.33 7.57 12.09
C PRO C 10 8.58 7.01 13.48
N GLU C 11 7.76 6.07 13.89
CA GLU C 11 7.93 5.43 15.19
C GLU C 11 8.22 3.94 15.02
N LEU C 12 9.15 3.45 15.84
CA LEU C 12 9.46 2.04 15.96
C LEU C 12 9.31 1.63 17.44
N LYS C 13 8.28 0.84 17.74
CA LYS C 13 7.98 0.45 19.11
C LYS C 13 7.88 -1.07 19.30
N LYS C 14 7.88 -1.46 20.57
CA LYS C 14 7.76 -2.86 20.96
C LYS C 14 6.40 -3.07 21.58
N PRO C 15 5.86 -4.29 21.44
CA PRO C 15 4.53 -4.54 22.01
C PRO C 15 4.48 -4.09 23.47
N GLY C 16 3.33 -3.62 23.92
CA GLY C 16 3.18 -3.22 25.31
C GLY C 16 3.57 -1.79 25.60
N GLU C 17 4.43 -1.20 24.78
CA GLU C 17 4.83 0.19 25.00
C GLU C 17 3.70 1.14 24.60
N THR C 18 4.00 2.42 24.73
CA THR C 18 3.05 3.50 24.45
C THR C 18 3.71 4.46 23.47
N VAL C 19 2.95 4.94 22.50
CA VAL C 19 3.47 5.92 21.55
C VAL C 19 2.58 7.15 21.57
N LYS C 20 3.18 8.30 21.33
CA LYS C 20 2.43 9.55 21.26
C LYS C 20 2.74 10.27 19.95
N ILE C 21 1.72 10.43 19.12
CA ILE C 21 1.87 11.06 17.82
C ILE C 21 1.26 12.46 17.83
N SER C 22 1.97 13.44 17.30
CA SER C 22 1.48 14.81 17.29
C SER C 22 1.16 15.32 15.89
N CYS C 23 0.22 16.28 15.87
CA CYS C 23 -0.26 16.91 14.65
C CYS C 23 -0.31 18.42 14.91
N LYS C 24 0.56 19.16 14.24
CA LYS C 24 0.72 20.60 14.49
C LYS C 24 0.04 21.39 13.39
N ALA C 25 -0.98 22.16 13.75
CA ALA C 25 -1.82 22.84 12.77
C ALA C 25 -1.47 24.32 12.65
N SER C 26 -1.60 24.86 11.44
CA SER C 26 -1.36 26.28 11.18
C SER C 26 -2.19 26.79 9.99
N GLY C 27 -2.41 28.10 9.98
CA GLY C 27 -3.10 28.77 8.90
C GLY C 27 -4.61 28.91 9.12
N TYR C 28 -5.09 28.62 10.33
CA TYR C 28 -6.52 28.70 10.60
C TYR C 28 -6.78 28.72 12.12
N THR C 29 -8.02 29.00 12.51
CA THR C 29 -8.38 29.00 13.91
C THR C 29 -8.54 27.57 14.38
N PHE C 30 -7.52 27.11 15.12
CA PHE C 30 -7.40 25.72 15.56
C PHE C 30 -8.62 25.24 16.35
N THR C 31 -9.05 26.04 17.32
CA THR C 31 -10.10 25.59 18.22
C THR C 31 -11.52 25.65 17.64
N ASP C 32 -11.65 25.98 16.35
CA ASP C 32 -12.98 26.07 15.75
C ASP C 32 -13.38 24.81 14.97
N TYR C 33 -12.40 24.01 14.59
CA TYR C 33 -12.64 22.89 13.67
C TYR C 33 -12.12 21.56 14.22
N SER C 34 -12.92 20.51 14.06
CA SER C 34 -12.57 19.20 14.58
C SER C 34 -11.35 18.60 13.88
N VAL C 35 -10.51 17.93 14.67
CA VAL C 35 -9.44 17.10 14.12
C VAL C 35 -9.87 15.64 14.15
N HIS C 36 -9.70 14.93 13.03
CA HIS C 36 -10.01 13.52 12.94
C HIS C 36 -8.72 12.72 12.83
N TRP C 37 -8.79 11.43 13.20
CA TRP C 37 -7.67 10.52 13.03
C TRP C 37 -8.08 9.30 12.22
N VAL C 38 -7.22 8.92 11.27
CA VAL C 38 -7.48 7.82 10.36
C VAL C 38 -6.30 6.83 10.38
N LYS C 39 -6.60 5.54 10.38
CA LYS C 39 -5.56 4.52 10.32
C LYS C 39 -5.53 3.87 8.94
N GLN C 40 -4.35 3.77 8.34
CA GLN C 40 -4.18 3.10 7.05
C GLN C 40 -3.13 2.02 7.13
N VAL C 41 -3.55 0.79 6.92
CA VAL C 41 -2.63 -0.34 6.95
C VAL C 41 -2.02 -0.56 5.58
N LYS C 44 -5.41 -3.25 3.56
CA LYS C 44 -4.64 -2.13 3.02
C LYS C 44 -5.46 -0.83 2.90
N GLY C 45 -6.69 -0.88 3.39
CA GLY C 45 -7.58 0.26 3.33
C GLY C 45 -7.54 1.19 4.54
N LEU C 46 -8.44 2.16 4.52
CA LEU C 46 -8.49 3.24 5.48
C LEU C 46 -9.55 3.05 6.56
N LYS C 47 -9.16 3.26 7.80
CA LYS C 47 -10.06 3.07 8.94
C LYS C 47 -10.17 4.35 9.80
N TRP C 48 -11.39 4.84 9.96
CA TRP C 48 -11.62 6.07 10.70
C TRP C 48 -11.58 5.79 12.19
N MET C 49 -10.77 6.54 12.93
CA MET C 49 -10.55 6.20 14.33
C MET C 49 -11.42 7.03 15.28
N GLY C 50 -11.85 8.19 14.82
CA GLY C 50 -12.68 9.06 15.63
C GLY C 50 -12.28 10.51 15.44
N TRP C 51 -12.77 11.37 16.32
CA TRP C 51 -12.45 12.78 16.24
C TRP C 51 -12.33 13.41 17.61
N ILE C 52 -11.66 14.55 17.67
CA ILE C 52 -11.62 15.36 18.89
C ILE C 52 -12.20 16.75 18.64
N ASN C 53 -13.09 17.16 19.54
CA ASN C 53 -13.62 18.51 19.56
C ASN C 53 -12.53 19.49 19.98
N THR C 54 -12.10 20.36 19.08
CA THR C 54 -10.97 21.25 19.41
C THR C 54 -11.44 22.43 20.26
N GLU C 55 -12.73 22.48 20.55
CA GLU C 55 -13.27 23.54 21.39
C GLU C 55 -13.40 23.07 22.83
N THR C 56 -13.98 21.89 23.03
CA THR C 56 -14.22 21.41 24.39
C THR C 56 -13.14 20.46 24.86
N GLY C 57 -12.41 19.86 23.93
CA GLY C 57 -11.41 18.87 24.27
C GLY C 57 -11.97 17.45 24.27
N GLU C 58 -13.28 17.33 24.03
CA GLU C 58 -13.93 16.03 24.13
C GLU C 58 -13.61 15.13 22.93
N PRO C 59 -13.05 13.93 23.21
CA PRO C 59 -12.76 12.95 22.18
C PRO C 59 -13.92 12.02 21.88
N THR C 60 -14.00 11.53 20.65
CA THR C 60 -15.05 10.58 20.25
C THR C 60 -14.45 9.42 19.47
N TYR C 61 -14.60 8.21 19.99
CA TYR C 61 -13.92 7.04 19.42
C TYR C 61 -14.83 6.11 18.63
N ALA C 62 -14.35 5.74 17.44
CA ALA C 62 -14.98 4.69 16.66
C ALA C 62 -15.00 3.38 17.46
N ASP C 63 -15.86 2.45 17.06
CA ASP C 63 -16.05 1.23 17.82
C ASP C 63 -14.78 0.41 18.04
N ASP C 64 -14.01 0.19 16.98
CA ASP C 64 -12.83 -0.66 17.10
C ASP C 64 -11.63 0.04 17.76
N PHE C 65 -11.84 1.24 18.30
CA PHE C 65 -10.73 2.02 18.81
C PHE C 65 -10.96 2.57 20.21
N LYS C 66 -11.64 1.79 21.05
CA LYS C 66 -12.13 2.30 22.33
C LYS C 66 -11.14 2.38 23.50
N GLY C 67 -10.45 1.30 23.79
CA GLY C 67 -9.75 1.14 25.07
C GLY C 67 -8.31 1.61 25.14
N ARG C 68 -7.60 1.53 24.02
CA ARG C 68 -6.17 1.77 24.05
C ARG C 68 -5.75 3.11 23.44
N PHE C 69 -6.72 3.89 22.98
CA PHE C 69 -6.45 5.09 22.18
C PHE C 69 -6.92 6.37 22.86
N ALA C 70 -6.05 7.38 22.88
CA ALA C 70 -6.41 8.66 23.51
C ALA C 70 -6.16 9.85 22.59
N PHE C 71 -7.20 10.65 22.38
CA PHE C 71 -7.06 11.90 21.63
C PHE C 71 -6.88 13.03 22.63
N SER C 72 -5.85 13.85 22.45
CA SER C 72 -5.66 14.98 23.35
C SER C 72 -5.19 16.21 22.60
N LEU C 73 -5.19 17.35 23.27
CA LEU C 73 -4.74 18.58 22.64
C LEU C 73 -3.91 19.48 23.53
N GLU C 74 -3.13 20.33 22.87
CA GLU C 74 -2.51 21.50 23.47
C GLU C 74 -2.97 22.69 22.62
N SER C 75 -4.14 23.23 22.94
CA SER C 75 -4.82 24.21 22.11
C SER C 75 -3.98 25.46 21.93
N SER C 76 -3.41 25.95 23.03
CA SER C 76 -2.53 27.09 22.98
C SER C 76 -1.38 26.85 21.99
N ALA C 77 -1.03 25.59 21.78
CA ALA C 77 0.04 25.24 20.82
C ALA C 77 -0.49 24.76 19.45
N SER C 78 -1.79 24.87 19.22
CA SER C 78 -2.39 24.42 17.95
C SER C 78 -1.99 23.00 17.57
N THR C 79 -1.86 22.12 18.56
CA THR C 79 -1.39 20.77 18.33
C THR C 79 -2.36 19.74 18.88
N ALA C 80 -2.57 18.66 18.11
CA ALA C 80 -3.40 17.53 18.53
C ALA C 80 -2.53 16.29 18.74
N TYR C 81 -2.94 15.43 19.66
CA TYR C 81 -2.16 14.23 19.95
C TYR C 81 -2.96 12.93 19.86
N LEU C 82 -2.31 11.90 19.36
CA LEU C 82 -2.85 10.55 19.39
C LEU C 82 -1.90 9.72 20.24
N GLU C 83 -2.43 9.18 21.33
CA GLU C 83 -1.61 8.34 22.18
C GLU C 83 -2.16 6.92 22.11
N ILE C 84 -1.28 5.95 21.87
CA ILE C 84 -1.69 4.55 21.89
C ILE C 84 -0.89 3.81 22.96
N HIS C 85 -1.59 3.12 23.87
N HIS C 85 -1.56 3.12 23.83
CA HIS C 85 -0.96 2.38 24.96
CA HIS C 85 -0.84 2.40 24.81
C HIS C 85 -1.06 0.89 24.71
C HIS C 85 -1.05 0.90 24.70
N ASN C 86 -0.25 0.10 25.42
CA ASN C 86 -0.27 -1.35 25.26
C ASN C 86 -0.24 -1.74 23.78
N LEU C 87 0.79 -1.27 23.10
CA LEU C 87 0.87 -1.40 21.66
C LEU C 87 0.83 -2.84 21.22
N LYS C 88 0.16 -3.07 20.09
CA LYS C 88 0.05 -4.39 19.52
C LYS C 88 0.69 -4.41 18.14
N ASN C 89 1.17 -5.57 17.72
CA ASN C 89 1.65 -5.76 16.36
C ASN C 89 0.76 -5.11 15.28
N GLU C 90 -0.55 -5.34 15.39
CA GLU C 90 -1.48 -4.87 14.35
C GLU C 90 -1.75 -3.37 14.44
N ASP C 91 -1.08 -2.70 15.37
CA ASP C 91 -1.13 -1.24 15.41
C ASP C 91 -0.16 -0.72 14.35
N THR C 92 0.62 -1.61 13.78
CA THR C 92 1.52 -1.24 12.70
C THR C 92 0.73 -0.64 11.54
N ALA C 93 1.03 0.61 11.19
CA ALA C 93 0.23 1.35 10.22
C ALA C 93 0.72 2.78 10.03
N THR C 94 0.13 3.49 9.07
CA THR C 94 0.28 4.93 8.96
C THR C 94 -0.92 5.62 9.59
N TYR C 95 -0.67 6.60 10.43
CA TYR C 95 -1.75 7.32 11.08
C TYR C 95 -1.82 8.75 10.55
N PHE C 96 -3.01 9.16 10.14
CA PHE C 96 -3.19 10.52 9.67
C PHE C 96 -4.10 11.27 10.64
N CYS C 97 -3.75 12.53 10.92
CA CYS C 97 -4.75 13.46 11.45
C CYS C 97 -5.31 14.21 10.26
N ALA C 98 -6.52 14.73 10.37
CA ALA C 98 -7.11 15.48 9.28
C ALA C 98 -7.95 16.61 9.82
N LEU C 99 -7.93 17.74 9.13
CA LEU C 99 -8.89 18.81 9.41
C LEU C 99 -10.21 18.47 8.74
N GLY C 100 -11.02 17.66 9.42
CA GLY C 100 -12.19 17.06 8.82
C GLY C 100 -11.84 16.42 7.50
N TRP C 101 -12.71 16.61 6.51
CA TRP C 101 -12.48 16.09 5.16
C TRP C 101 -11.59 17.03 4.33
N LEU C 102 -11.35 18.26 4.81
CA LEU C 102 -10.66 19.27 3.97
C LEU C 102 -9.17 19.03 3.68
N HIS C 103 -8.45 18.51 4.65
CA HIS C 103 -6.99 18.53 4.54
C HIS C 103 -6.38 17.48 5.47
N TRP C 104 -5.61 16.58 4.89
CA TRP C 104 -4.99 15.48 5.62
C TRP C 104 -3.54 15.80 5.97
N GLY C 105 -3.10 15.36 7.15
CA GLY C 105 -1.70 15.46 7.52
C GLY C 105 -0.87 14.60 6.59
N LEU C 106 0.46 14.71 6.72
CA LEU C 106 1.38 13.88 5.94
C LEU C 106 1.46 12.42 6.42
N GLY C 107 0.99 12.19 7.64
CA GLY C 107 0.99 10.82 8.18
C GLY C 107 2.21 10.49 9.01
N THR C 108 2.01 9.62 9.98
CA THR C 108 3.09 9.12 10.81
C THR C 108 3.08 7.60 10.73
N THR C 109 4.16 7.01 10.22
CA THR C 109 4.22 5.56 10.17
C THR C 109 4.65 5.00 11.54
N LEU C 110 3.92 4.00 12.02
CA LEU C 110 4.25 3.31 13.25
C LEU C 110 4.49 1.84 12.94
N THR C 111 5.61 1.33 13.44
CA THR C 111 5.90 -0.08 13.34
C THR C 111 6.05 -0.62 14.77
N VAL C 112 5.24 -1.61 15.11
CA VAL C 112 5.29 -2.24 16.43
C VAL C 112 5.80 -3.66 16.25
N SER C 113 6.92 -3.98 16.86
CA SER C 113 7.52 -5.30 16.72
C SER C 113 8.39 -5.63 17.92
N SER C 114 8.46 -6.91 18.26
CA SER C 114 9.40 -7.34 19.31
C SER C 114 10.77 -7.65 18.71
N ALA C 115 10.87 -7.64 17.39
CA ALA C 115 12.12 -8.03 16.73
C ALA C 115 13.23 -7.02 17.01
N SER C 116 14.46 -7.53 17.06
CA SER C 116 15.66 -6.70 17.16
C SER C 116 16.23 -6.48 15.77
N THR C 117 16.96 -5.37 15.63
CA THR C 117 17.68 -5.05 14.41
C THR C 117 18.55 -6.23 14.00
N LYS C 118 18.41 -6.63 12.74
CA LYS C 118 19.17 -7.76 12.23
C LYS C 118 19.42 -7.67 10.72
N GLY C 119 20.66 -7.92 10.32
CA GLY C 119 21.04 -7.91 8.92
C GLY C 119 20.53 -9.14 8.19
N PRO C 120 20.29 -9.01 6.88
CA PRO C 120 19.71 -10.10 6.12
C PRO C 120 20.76 -11.10 5.75
N SER C 121 20.37 -12.35 5.60
CA SER C 121 21.17 -13.33 4.87
C SER C 121 20.79 -13.22 3.39
N VAL C 122 21.77 -13.34 2.51
CA VAL C 122 21.52 -13.17 1.08
C VAL C 122 21.86 -14.42 0.27
N PHE C 123 20.85 -15.02 -0.35
CA PHE C 123 21.04 -16.25 -1.08
C PHE C 123 20.84 -16.08 -2.57
N PRO C 124 21.52 -16.88 -3.38
CA PRO C 124 21.38 -16.76 -4.83
C PRO C 124 20.14 -17.47 -5.36
N LEU C 125 19.47 -16.83 -6.31
CA LEU C 125 18.46 -17.52 -7.10
C LEU C 125 19.14 -17.88 -8.41
N ALA C 126 19.64 -19.11 -8.46
CA ALA C 126 20.38 -19.57 -9.62
C ALA C 126 19.40 -20.16 -10.62
N PRO C 127 19.76 -20.15 -11.90
CA PRO C 127 21.05 -19.66 -12.37
C PRO C 127 20.87 -18.47 -13.25
N GLY C 135 16.46 -19.37 -24.56
CA GLY C 135 16.61 -17.98 -24.94
C GLY C 135 16.88 -17.06 -23.77
N THR C 136 15.94 -17.02 -22.82
CA THR C 136 16.04 -16.15 -21.64
C THR C 136 16.19 -16.96 -20.37
N ALA C 137 17.09 -16.52 -19.49
CA ALA C 137 17.27 -17.15 -18.19
C ALA C 137 16.92 -16.16 -17.09
N ALA C 138 16.42 -16.65 -15.96
CA ALA C 138 16.17 -15.77 -14.83
C ALA C 138 17.11 -16.05 -13.68
N LEU C 139 17.53 -14.99 -13.01
CA LEU C 139 18.38 -15.15 -11.84
C LEU C 139 18.03 -14.05 -10.85
N GLY C 140 18.55 -14.17 -9.64
CA GLY C 140 18.21 -13.22 -8.60
C GLY C 140 18.83 -13.50 -7.25
N CYS C 141 18.45 -12.67 -6.29
CA CYS C 141 18.94 -12.79 -4.93
C CYS C 141 17.79 -12.80 -3.95
N LEU C 142 17.79 -13.76 -3.04
CA LEU C 142 16.82 -13.83 -1.97
C LEU C 142 17.39 -13.17 -0.72
N VAL C 143 16.74 -12.10 -0.28
CA VAL C 143 17.23 -11.31 0.85
C VAL C 143 16.38 -11.61 2.08
N LYS C 144 16.87 -12.49 2.95
CA LYS C 144 16.04 -13.12 3.97
C LYS C 144 16.32 -12.73 5.43
N ASP C 145 15.25 -12.61 6.22
CA ASP C 145 15.35 -12.40 7.67
C ASP C 145 16.07 -11.13 8.11
N TYR C 146 15.48 -9.97 7.84
CA TYR C 146 16.06 -8.72 8.30
C TYR C 146 15.04 -7.89 9.02
N PHE C 147 15.54 -6.98 9.84
CA PHE C 147 14.67 -6.06 10.56
C PHE C 147 15.48 -4.85 11.01
N PRO C 148 14.89 -3.64 10.89
CA PRO C 148 13.58 -3.37 10.30
C PRO C 148 13.73 -3.10 8.79
N GLU C 149 12.66 -2.67 8.11
CA GLU C 149 12.83 -2.13 6.78
C GLU C 149 13.68 -0.88 6.95
N PRO C 150 14.27 -0.36 5.86
CA PRO C 150 14.19 -0.93 4.51
C PRO C 150 15.50 -1.60 4.07
N VAL C 151 15.39 -2.41 3.02
CA VAL C 151 16.54 -2.91 2.27
C VAL C 151 16.48 -2.33 0.86
N THR C 152 17.63 -2.03 0.28
CA THR C 152 17.72 -1.65 -1.12
C THR C 152 18.67 -2.59 -1.88
N VAL C 153 18.35 -2.87 -3.12
CA VAL C 153 19.13 -3.78 -3.94
C VAL C 153 19.44 -3.13 -5.28
N SER C 154 20.68 -3.24 -5.75
CA SER C 154 21.00 -2.94 -7.14
C SER C 154 21.71 -4.14 -7.70
N TRP C 155 22.05 -4.07 -8.99
CA TRP C 155 22.76 -5.15 -9.67
C TRP C 155 23.95 -4.58 -10.42
N ASN C 156 25.11 -5.20 -10.23
CA ASN C 156 26.38 -4.71 -10.79
C ASN C 156 26.57 -3.21 -10.52
N SER C 157 26.42 -2.85 -9.26
CA SER C 157 26.61 -1.47 -8.80
C SER C 157 25.80 -0.44 -9.57
N GLY C 158 24.58 -0.79 -9.98
CA GLY C 158 23.73 0.17 -10.67
C GLY C 158 23.79 0.07 -12.19
N ALA C 159 24.71 -0.74 -12.71
CA ALA C 159 24.93 -0.87 -14.15
C ALA C 159 23.81 -1.64 -14.89
N LEU C 160 23.19 -2.56 -14.18
CA LEU C 160 22.14 -3.40 -14.75
C LEU C 160 20.80 -3.08 -14.09
N THR C 161 19.90 -2.48 -14.87
CA THR C 161 18.54 -2.17 -14.40
C THR C 161 17.42 -2.69 -15.32
N SER C 162 17.75 -3.08 -16.55
CA SER C 162 16.77 -3.62 -17.49
C SER C 162 16.30 -5.02 -17.11
N GLY C 163 15.00 -5.19 -16.94
CA GLY C 163 14.45 -6.47 -16.57
C GLY C 163 14.73 -6.85 -15.12
N VAL C 164 15.28 -5.91 -14.35
CA VAL C 164 15.39 -6.10 -12.91
C VAL C 164 14.07 -5.79 -12.22
N HIS C 165 13.56 -6.76 -11.45
CA HIS C 165 12.42 -6.50 -10.56
C HIS C 165 12.79 -6.78 -9.11
N THR C 166 12.76 -5.74 -8.29
CA THR C 166 12.97 -5.93 -6.87
C THR C 166 11.64 -5.84 -6.13
N PHE C 167 11.22 -6.94 -5.54
CA PHE C 167 9.89 -7.01 -4.95
C PHE C 167 9.75 -6.29 -3.61
N PRO C 168 8.55 -5.74 -3.34
CA PRO C 168 8.29 -5.20 -2.01
C PRO C 168 8.50 -6.32 -0.99
N ALA C 169 9.06 -6.00 0.17
CA ALA C 169 9.28 -6.99 1.22
C ALA C 169 7.96 -7.52 1.79
N VAL C 170 7.99 -8.78 2.21
CA VAL C 170 6.90 -9.35 2.98
C VAL C 170 7.35 -9.54 4.43
N LEU C 171 6.44 -9.32 5.37
CA LEU C 171 6.70 -9.65 6.77
C LEU C 171 6.40 -11.14 6.98
N GLN C 172 7.42 -11.92 7.31
CA GLN C 172 7.25 -13.35 7.48
C GLN C 172 6.57 -13.71 8.80
N SER C 173 6.22 -14.99 8.92
CA SER C 173 5.64 -15.61 10.11
C SER C 173 6.52 -15.43 11.33
N SER C 174 7.84 -15.49 11.09
CA SER C 174 8.86 -15.28 12.12
C SER C 174 8.91 -13.87 12.70
N GLY C 175 8.27 -12.91 12.04
CA GLY C 175 8.41 -11.51 12.45
C GLY C 175 9.56 -10.79 11.76
N LEU C 176 10.25 -11.47 10.86
CA LEU C 176 11.33 -10.85 10.10
C LEU C 176 10.93 -10.60 8.63
N TYR C 177 11.51 -9.58 8.00
CA TYR C 177 11.22 -9.30 6.60
C TYR C 177 12.06 -10.17 5.67
N SER C 178 11.58 -10.30 4.44
CA SER C 178 12.27 -11.00 3.38
C SER C 178 11.84 -10.37 2.07
N LEU C 179 12.72 -10.34 1.08
CA LEU C 179 12.36 -9.94 -0.28
C LEU C 179 13.26 -10.63 -1.28
N SER C 180 12.88 -10.55 -2.56
CA SER C 180 13.73 -11.01 -3.64
C SER C 180 13.92 -9.95 -4.70
N SER C 181 15.05 -10.03 -5.38
CA SER C 181 15.32 -9.19 -6.52
C SER C 181 15.75 -10.12 -7.64
N VAL C 182 15.12 -9.98 -8.80
CA VAL C 182 15.36 -10.89 -9.90
C VAL C 182 15.63 -10.12 -11.18
N VAL C 183 16.13 -10.82 -12.18
CA VAL C 183 16.50 -10.18 -13.43
C VAL C 183 16.56 -11.26 -14.48
N THR C 184 16.17 -10.91 -15.71
CA THR C 184 16.21 -11.85 -16.80
C THR C 184 17.30 -11.48 -17.79
N VAL C 185 18.06 -12.48 -18.22
CA VAL C 185 19.17 -12.29 -19.13
C VAL C 185 19.11 -13.37 -20.22
N PRO C 186 19.82 -13.16 -21.34
CA PRO C 186 19.94 -14.26 -22.31
C PRO C 186 20.62 -15.46 -21.68
N SER C 187 20.22 -16.66 -22.06
CA SER C 187 20.92 -17.87 -21.63
C SER C 187 22.38 -17.84 -22.07
N SER C 188 22.64 -17.15 -23.18
CA SER C 188 23.96 -17.17 -23.81
C SER C 188 25.04 -16.47 -22.98
N SER C 189 24.63 -15.45 -22.21
CA SER C 189 25.55 -14.59 -21.49
C SER C 189 25.96 -15.19 -20.15
N LEU C 190 25.26 -16.22 -19.72
CA LEU C 190 25.49 -16.81 -18.41
C LEU C 190 26.96 -17.22 -18.21
N GLY C 191 27.60 -17.70 -19.27
CA GLY C 191 28.98 -18.13 -19.14
C GLY C 191 29.95 -16.97 -19.03
N THR C 192 29.58 -15.83 -19.61
CA THR C 192 30.52 -14.75 -19.83
C THR C 192 30.23 -13.47 -19.05
N GLN C 193 28.97 -13.24 -18.70
CA GLN C 193 28.62 -12.03 -17.97
C GLN C 193 28.64 -12.26 -16.46
N THR C 194 29.11 -11.27 -15.71
CA THR C 194 29.14 -11.34 -14.26
C THR C 194 27.90 -10.65 -13.66
N TYR C 195 27.19 -11.36 -12.77
CA TYR C 195 26.00 -10.79 -12.14
C TYR C 195 26.12 -10.78 -10.62
N ILE C 196 26.10 -9.56 -10.07
CA ILE C 196 26.27 -9.33 -8.65
C ILE C 196 25.14 -8.46 -8.12
N CYS C 197 24.45 -8.94 -7.08
CA CYS C 197 23.45 -8.12 -6.42
C CYS C 197 24.11 -7.44 -5.22
N ASN C 198 23.90 -6.12 -5.14
CA ASN C 198 24.40 -5.30 -4.06
C ASN C 198 23.23 -4.99 -3.10
N VAL C 199 23.30 -5.56 -1.91
CA VAL C 199 22.22 -5.41 -0.95
C VAL C 199 22.69 -4.50 0.17
N ASN C 200 21.87 -3.50 0.48
CA ASN C 200 22.16 -2.56 1.54
C ASN C 200 21.03 -2.55 2.59
N HIS C 201 21.35 -2.96 3.82
CA HIS C 201 20.45 -2.78 4.95
C HIS C 201 21.11 -1.82 5.93
N LYS C 202 20.79 -0.53 5.81
CA LYS C 202 21.47 0.50 6.63
C LYS C 202 21.22 0.35 8.13
N PRO C 203 19.98 0.00 8.51
CA PRO C 203 19.76 -0.05 9.96
C PRO C 203 20.75 -0.98 10.68
N SER C 204 21.32 -1.97 10.02
CA SER C 204 22.34 -2.80 10.67
C SER C 204 23.74 -2.53 10.11
N ASN C 205 23.86 -1.54 9.25
CA ASN C 205 25.11 -1.34 8.53
C ASN C 205 25.56 -2.63 7.83
N THR C 206 24.61 -3.39 7.31
CA THR C 206 24.96 -4.59 6.58
C THR C 206 25.00 -4.30 5.10
N LYS C 207 26.11 -4.64 4.46
CA LYS C 207 26.17 -4.58 3.01
C LYS C 207 26.70 -5.90 2.50
N VAL C 208 26.10 -6.39 1.41
CA VAL C 208 26.49 -7.67 0.85
C VAL C 208 26.50 -7.58 -0.66
N ASP C 209 27.56 -8.11 -1.25
CA ASP C 209 27.58 -8.27 -2.69
C ASP C 209 27.59 -9.76 -2.95
N LYS C 210 26.53 -10.24 -3.60
CA LYS C 210 26.37 -11.67 -3.85
C LYS C 210 26.43 -11.99 -5.34
N ARG C 211 27.55 -12.55 -5.77
CA ARG C 211 27.73 -12.95 -7.14
C ARG C 211 26.82 -14.16 -7.45
N VAL C 212 26.09 -14.08 -8.55
CA VAL C 212 25.09 -15.09 -8.85
C VAL C 212 25.54 -15.91 -10.06
N GLU C 213 25.74 -17.21 -9.85
CA GLU C 213 26.33 -18.08 -10.86
C GLU C 213 25.43 -19.24 -11.29
N PRO C 214 25.49 -19.60 -12.57
CA PRO C 214 24.79 -20.80 -13.07
C PRO C 214 25.24 -22.06 -12.33
C1 EDO D . 0.97 -9.70 20.08
O1 EDO D . 2.20 -10.09 19.63
C2 EDO D . 1.32 -8.30 20.49
O2 EDO D . 0.53 -7.53 19.65
#